data_9E42
#
_entry.id   9E42
#
_cell.length_a   38.917
_cell.length_b   56.944
_cell.length_c   124.964
_cell.angle_alpha   90.000
_cell.angle_beta   93.640
_cell.angle_gamma   90.000
#
_symmetry.space_group_name_H-M   'P 1 21 1'
#
loop_
_entity.id
_entity.type
_entity.pdbx_description
1 polymer 'Ricin A chain'
2 non-polymer '5-(2,6-diethylphenyl)thiophene-2-carboxylic acid'
3 non-polymer 1,2-ETHANEDIOL
4 water water
#
_entity_poly.entity_id   1
_entity_poly.type   'polypeptide(L)'
_entity_poly.pdbx_seq_one_letter_code
;SNAMIFPKQYPIINFTTAGATVQSYTNFIRAVRGRLTTGADVRHEIPVLPNRVGLPINQRFILVELSNHAELSVTLALDV
TNAYVVGYRAGNSAYFFHPDNQEDAEAITHLFTDVQNRYTFAFGGNYDRLEQLAGNLRENIELGNGPLEEAISALYYYST
GGTQLPTLARSFIICIQMISEAARFQYIEGEMRTRIRYNRRSAPDPSVITLENSWGRLSTAIQESNQGAFASPIQLQRRN
GSKFSVYDVSILIPIIALMVYRCAPPPSSQF
;
_entity_poly.pdbx_strand_id   A,B
#
# COMPACT_ATOMS: atom_id res chain seq x y z
N ILE A 5 22.98 -24.69 30.80
CA ILE A 5 22.99 -25.30 29.47
C ILE A 5 23.52 -24.26 28.48
N PHE A 6 23.91 -24.72 27.29
CA PHE A 6 24.28 -23.88 26.18
C PHE A 6 23.12 -23.93 25.19
N PRO A 7 22.12 -23.05 25.32
CA PRO A 7 20.89 -23.18 24.53
C PRO A 7 21.14 -22.96 23.04
N LYS A 8 20.16 -23.39 22.26
CA LYS A 8 20.16 -23.10 20.84
C LYS A 8 20.09 -21.59 20.65
N GLN A 9 20.77 -21.10 19.62
CA GLN A 9 20.93 -19.68 19.40
C GLN A 9 19.97 -19.24 18.28
N TYR A 10 19.06 -18.35 18.62
CA TYR A 10 18.15 -17.86 17.59
C TYR A 10 18.49 -16.42 17.23
N PRO A 11 18.14 -15.98 16.01
CA PRO A 11 18.41 -14.60 15.62
C PRO A 11 17.77 -13.62 16.58
N ILE A 12 18.43 -12.50 16.81
CA ILE A 12 17.97 -11.52 17.78
C ILE A 12 17.89 -10.14 17.12
N ILE A 13 16.76 -9.47 17.30
CA ILE A 13 16.56 -8.12 16.81
C ILE A 13 16.34 -7.22 18.02
N ASN A 14 17.00 -6.07 18.03
CA ASN A 14 16.92 -5.13 19.15
C ASN A 14 16.04 -3.94 18.80
N PHE A 15 15.25 -3.49 19.77
CA PHE A 15 14.57 -2.21 19.69
C PHE A 15 14.58 -1.56 21.05
N THR A 16 14.80 -0.26 21.09
CA THR A 16 14.69 0.50 22.33
C THR A 16 13.68 1.62 22.16
N THR A 17 12.91 1.87 23.22
CA THR A 17 12.02 3.02 23.25
C THR A 17 12.75 4.30 23.60
N ALA A 18 13.98 4.22 24.09
CA ALA A 18 14.77 5.39 24.42
C ALA A 18 15.21 6.08 23.14
N GLY A 19 14.69 7.28 22.89
CA GLY A 19 15.03 8.00 21.68
C GLY A 19 14.43 7.42 20.42
N ALA A 20 13.33 6.68 20.54
CA ALA A 20 12.73 6.02 19.39
C ALA A 20 12.22 7.03 18.38
N THR A 21 12.37 6.70 17.10
CA THR A 21 11.91 7.53 16.00
C THR A 21 11.06 6.68 15.08
N VAL A 22 10.33 7.36 14.19
CA VAL A 22 9.64 6.66 13.09
C VAL A 22 10.61 5.76 12.34
N GLN A 23 11.82 6.27 12.07
CA GLN A 23 12.79 5.51 11.29
C GLN A 23 13.35 4.33 12.06
N SER A 24 13.71 4.53 13.33
CA SER A 24 14.25 3.41 14.11
C SER A 24 13.18 2.35 14.35
N TYR A 25 11.91 2.75 14.52
CA TYR A 25 10.86 1.76 14.64
C TYR A 25 10.62 1.05 13.32
N THR A 26 10.69 1.79 12.21
CA THR A 26 10.55 1.19 10.89
C THR A 26 11.67 0.19 10.62
N ASN A 27 12.92 0.58 10.90
CA ASN A 27 14.03 -0.36 10.74
C ASN A 27 13.83 -1.61 11.58
N PHE A 28 13.28 -1.45 12.79
CA PHE A 28 13.03 -2.59 13.66
C PHE A 28 12.03 -3.55 13.03
N ILE A 29 10.90 -3.01 12.58
CA ILE A 29 9.87 -3.86 12.02
C ILE A 29 10.35 -4.51 10.73
N ARG A 30 11.08 -3.75 9.91
CA ARG A 30 11.65 -4.32 8.69
C ARG A 30 12.64 -5.43 9.01
N ALA A 31 13.39 -5.28 10.11
CA ALA A 31 14.32 -6.35 10.48
C ALA A 31 13.56 -7.60 10.94
N VAL A 32 12.48 -7.41 11.69
CA VAL A 32 11.68 -8.54 12.15
C VAL A 32 11.08 -9.29 10.96
N ARG A 33 10.51 -8.55 10.01
CA ARG A 33 9.99 -9.20 8.80
C ARG A 33 11.06 -10.01 8.09
N GLY A 34 12.25 -9.43 7.92
CA GLY A 34 13.30 -10.10 7.16
C GLY A 34 13.74 -11.40 7.79
N ARG A 35 13.69 -11.51 9.11
CA ARG A 35 14.06 -12.75 9.77
C ARG A 35 12.89 -13.71 9.90
N LEU A 36 11.65 -13.21 9.80
CA LEU A 36 10.49 -14.07 9.83
C LEU A 36 10.32 -14.86 8.53
N THR A 37 10.61 -14.22 7.39
CA THR A 37 10.46 -14.85 6.09
C THR A 37 11.81 -15.40 5.66
N THR A 38 12.09 -16.61 6.12
CA THR A 38 13.24 -17.37 5.64
C THR A 38 12.72 -18.67 5.06
N ASP A 41 9.09 -17.92 -0.58
CA ASP A 41 7.73 -18.36 -0.89
C ASP A 41 6.77 -17.19 -0.90
N VAL A 42 6.29 -16.83 -2.09
CA VAL A 42 5.44 -15.66 -2.27
C VAL A 42 4.27 -16.04 -3.17
N ARG A 43 3.04 -15.89 -2.66
CA ARG A 43 1.83 -16.01 -3.46
C ARG A 43 1.28 -14.63 -3.69
N HIS A 44 1.15 -14.25 -4.96
CA HIS A 44 0.64 -12.93 -5.34
C HIS A 44 1.44 -11.82 -4.67
N ILE A 46 3.00 -11.36 -1.89
CA ILE A 46 2.91 -11.41 -0.43
C ILE A 46 3.64 -12.62 0.11
N PRO A 47 4.67 -12.40 0.92
CA PRO A 47 5.42 -13.53 1.48
C PRO A 47 4.55 -14.39 2.37
N VAL A 48 4.81 -15.70 2.34
CA VAL A 48 4.12 -16.67 3.17
C VAL A 48 5.12 -17.18 4.20
N LEU A 49 4.70 -17.21 5.47
CA LEU A 49 5.59 -17.69 6.51
C LEU A 49 5.89 -19.17 6.34
N PRO A 50 7.06 -19.64 6.80
CA PRO A 50 7.44 -21.03 6.56
C PRO A 50 6.43 -22.01 7.11
N ASN A 51 6.32 -23.14 6.41
CA ASN A 51 5.47 -24.23 6.84
C ASN A 51 5.97 -24.82 8.15
N ARG A 52 5.06 -24.99 9.10
CA ARG A 52 5.44 -25.61 10.37
C ARG A 52 5.89 -27.06 10.16
N VAL A 53 5.36 -27.72 9.12
CA VAL A 53 5.71 -29.12 8.86
C VAL A 53 7.14 -29.21 8.36
N GLY A 54 7.94 -30.05 9.03
CA GLY A 54 9.31 -30.28 8.63
C GLY A 54 10.28 -29.16 8.92
N LEU A 55 9.83 -28.09 9.56
CA LEU A 55 10.71 -26.96 9.87
C LEU A 55 11.65 -27.31 11.01
N PRO A 56 12.98 -27.27 10.82
CA PRO A 56 13.89 -27.66 11.89
C PRO A 56 13.82 -26.73 13.09
N ILE A 57 14.04 -27.32 14.27
CA ILE A 57 13.89 -26.58 15.52
C ILE A 57 14.87 -25.42 15.57
N ASN A 58 16.04 -25.56 14.96
CA ASN A 58 17.03 -24.49 14.98
C ASN A 58 16.61 -23.28 14.16
N GLN A 59 15.53 -23.39 13.39
CA GLN A 59 15.05 -22.28 12.57
C GLN A 59 13.62 -21.87 12.93
N ARG A 60 13.13 -22.31 14.08
CA ARG A 60 11.73 -22.14 14.43
C ARG A 60 11.43 -20.81 15.09
N PHE A 61 12.43 -20.16 15.67
CA PHE A 61 12.16 -19.01 16.52
C PHE A 61 13.06 -17.82 16.19
N ILE A 62 12.55 -16.63 16.46
CA ILE A 62 13.39 -15.44 16.49
C ILE A 62 13.14 -14.73 17.81
N LEU A 63 14.11 -13.92 18.20
CA LEU A 63 14.08 -13.23 19.48
C LEU A 63 14.06 -11.73 19.24
N VAL A 64 13.20 -11.05 19.99
CA VAL A 64 13.08 -9.59 19.97
C VAL A 64 13.45 -9.09 21.35
N GLU A 65 14.59 -8.40 21.45
CA GLU A 65 15.04 -7.83 22.72
C GLU A 65 14.59 -6.38 22.81
N LEU A 66 13.76 -6.09 23.80
CA LEU A 66 13.19 -4.75 23.99
C LEU A 66 13.84 -4.08 25.19
N SER A 67 14.31 -2.85 25.01
CA SER A 67 14.87 -2.06 26.09
C SER A 67 14.12 -0.73 26.19
N ASN A 68 14.12 -0.14 27.38
CA ASN A 68 13.41 1.12 27.51
C ASN A 68 14.28 2.18 28.19
N HIS A 69 13.71 3.37 28.48
CA HIS A 69 14.49 4.45 29.07
C HIS A 69 15.07 4.07 30.42
N ALA A 70 14.39 3.21 31.16
CA ALA A 70 14.90 2.72 32.44
C ALA A 70 15.98 1.66 32.28
N GLU A 71 16.36 1.33 31.05
CA GLU A 71 17.43 0.38 30.74
C GLU A 71 17.10 -1.03 31.22
N LEU A 72 15.81 -1.34 31.34
CA LEU A 72 15.37 -2.71 31.57
C LEU A 72 15.22 -3.37 30.21
N SER A 73 15.51 -4.66 30.16
CA SER A 73 15.45 -5.42 28.93
C SER A 73 14.64 -6.67 29.15
N VAL A 74 13.77 -6.97 28.18
CA VAL A 74 13.09 -8.25 28.12
C VAL A 74 13.26 -8.76 26.70
N THR A 75 13.20 -10.07 26.56
CA THR A 75 13.38 -10.69 25.25
C THR A 75 12.12 -11.48 24.93
N LEU A 76 11.45 -11.09 23.86
CA LEU A 76 10.28 -11.85 23.39
C LEU A 76 10.73 -12.92 22.42
N ALA A 77 10.06 -14.06 22.47
CA ALA A 77 10.29 -15.16 21.54
C ALA A 77 9.13 -15.23 20.57
N LEU A 78 9.44 -15.21 19.27
CA LEU A 78 8.44 -15.24 18.21
C LEU A 78 8.56 -16.54 17.42
N ASP A 79 7.42 -17.17 17.16
CA ASP A 79 7.33 -18.34 16.29
C ASP A 79 7.38 -17.87 14.83
N VAL A 80 8.33 -18.37 14.05
CA VAL A 80 8.48 -17.93 12.66
C VAL A 80 7.35 -18.41 11.76
N THR A 81 6.54 -19.38 12.21
CA THR A 81 5.45 -19.89 11.39
C THR A 81 4.20 -19.03 11.46
N ASN A 82 4.06 -18.21 12.50
CA ASN A 82 2.89 -17.36 12.63
C ASN A 82 3.19 -15.99 13.21
N ALA A 83 4.46 -15.66 13.46
CA ALA A 83 4.90 -14.35 13.94
C ALA A 83 4.35 -14.04 15.33
N TYR A 84 3.90 -15.04 16.06
CA TYR A 84 3.28 -14.72 17.33
C TYR A 84 4.23 -14.93 18.49
N VAL A 85 4.05 -14.10 19.52
CA VAL A 85 4.82 -14.19 20.74
C VAL A 85 4.39 -15.46 21.48
N VAL A 86 5.34 -16.34 21.76
CA VAL A 86 5.08 -17.55 22.53
C VAL A 86 5.54 -17.43 23.96
N GLY A 87 6.31 -16.41 24.29
CA GLY A 87 6.88 -16.31 25.62
C GLY A 87 7.93 -15.22 25.66
N TYR A 88 8.51 -15.04 26.84
CA TYR A 88 9.53 -14.01 26.98
C TYR A 88 10.44 -14.32 28.16
N ARG A 89 11.61 -13.68 28.14
CA ARG A 89 12.59 -13.81 29.20
C ARG A 89 12.83 -12.46 29.86
N ALA A 90 12.88 -12.47 31.18
CA ALA A 90 13.27 -11.29 31.96
C ALA A 90 14.19 -11.75 33.06
N GLY A 91 15.45 -11.33 33.01
CA GLY A 91 16.43 -11.73 34.00
C GLY A 91 16.52 -13.24 34.13
N ASN A 92 16.30 -13.74 35.34
CA ASN A 92 16.48 -15.16 35.61
C ASN A 92 15.21 -15.99 35.41
N SER A 93 14.20 -15.44 34.73
CA SER A 93 12.93 -16.11 34.55
C SER A 93 12.50 -16.08 33.09
N ALA A 94 11.83 -17.14 32.65
CA ALA A 94 11.22 -17.21 31.33
C ALA A 94 9.77 -17.66 31.48
N TYR A 95 8.89 -17.01 30.73
CA TYR A 95 7.44 -17.20 30.83
C TYR A 95 6.88 -17.56 29.46
N PHE A 96 5.99 -18.54 29.43
CA PHE A 96 5.46 -19.06 28.17
C PHE A 96 3.94 -19.13 28.22
N PHE A 97 3.29 -18.73 27.13
CA PHE A 97 1.87 -19.00 27.00
C PHE A 97 1.65 -20.50 26.89
N HIS A 98 0.48 -20.93 27.32
CA HIS A 98 0.10 -22.32 27.23
C HIS A 98 0.12 -22.79 25.77
N PRO A 99 0.91 -23.81 25.43
CA PRO A 99 0.96 -24.27 24.04
C PRO A 99 -0.33 -24.94 23.60
N ASP A 100 -0.61 -24.82 22.30
CA ASP A 100 -1.83 -25.39 21.75
C ASP A 100 -1.76 -26.91 21.66
N ASN A 101 -0.58 -27.47 21.39
CA ASN A 101 -0.44 -28.91 21.18
C ASN A 101 0.89 -29.38 21.75
N GLN A 102 1.07 -30.72 21.77
CA GLN A 102 2.25 -31.34 22.33
C GLN A 102 3.51 -31.00 21.55
N GLU A 103 3.38 -30.84 20.23
CA GLU A 103 4.55 -30.55 19.41
C GLU A 103 5.11 -29.16 19.71
N ASP A 104 4.25 -28.14 19.75
CA ASP A 104 4.70 -26.81 20.13
C ASP A 104 5.20 -26.77 21.56
N ALA A 105 4.62 -27.59 22.43
CA ALA A 105 5.12 -27.69 23.79
C ALA A 105 6.55 -28.19 23.80
N GLU A 106 6.88 -29.13 22.92
CA GLU A 106 8.27 -29.60 22.82
C GLU A 106 9.16 -28.52 22.22
N ALA A 107 8.68 -27.81 21.20
CA ALA A 107 9.50 -26.79 20.55
C ALA A 107 9.94 -25.73 21.54
N ILE A 108 9.02 -25.25 22.39
CA ILE A 108 9.36 -24.17 23.30
C ILE A 108 10.26 -24.61 24.43
N THR A 109 10.42 -25.92 24.66
CA THR A 109 11.43 -26.34 25.63
C THR A 109 12.84 -25.97 25.19
N HIS A 110 13.02 -25.58 23.93
CA HIS A 110 14.32 -25.22 23.39
C HIS A 110 14.64 -23.74 23.53
N LEU A 111 13.71 -22.95 24.06
CA LEU A 111 13.89 -21.52 24.25
C LEU A 111 14.34 -21.22 25.67
N PHE A 112 15.34 -20.35 25.79
CA PHE A 112 15.75 -19.80 27.09
C PHE A 112 16.17 -20.89 28.06
N THR A 113 16.86 -21.92 27.55
CA THR A 113 17.11 -23.10 28.38
C THR A 113 18.21 -22.90 29.43
N ASP A 114 18.93 -21.79 29.38
CA ASP A 114 19.91 -21.45 30.41
C ASP A 114 19.31 -20.60 31.51
N VAL A 115 18.03 -20.27 31.41
CA VAL A 115 17.32 -19.54 32.44
C VAL A 115 17.01 -20.48 33.60
N GLN A 116 17.19 -20.00 34.83
CA GLN A 116 17.03 -20.89 35.99
C GLN A 116 15.56 -21.24 36.24
N ASN A 117 14.65 -20.31 36.00
CA ASN A 117 13.23 -20.46 36.32
C ASN A 117 12.41 -20.39 35.04
N ARG A 118 11.71 -21.47 34.71
CA ARG A 118 10.82 -21.48 33.56
C ARG A 118 9.39 -21.64 34.04
N TYR A 119 8.49 -20.82 33.51
CA TYR A 119 7.09 -20.82 33.90
C TYR A 119 6.21 -20.89 32.67
N THR A 120 5.20 -21.75 32.70
CA THR A 120 4.24 -21.82 31.60
C THR A 120 2.86 -21.44 32.12
N PHE A 121 2.27 -20.42 31.52
CA PHE A 121 0.93 -19.99 31.91
C PHE A 121 -0.10 -21.04 31.50
N ALA A 122 -1.29 -20.97 32.12
CA ALA A 122 -2.37 -21.85 31.74
C ALA A 122 -3.18 -21.32 30.55
N PHE A 123 -3.01 -20.04 30.21
CA PHE A 123 -3.75 -19.37 29.15
C PHE A 123 -2.86 -19.17 27.94
N GLY A 124 -3.47 -19.18 26.76
CA GLY A 124 -2.77 -18.89 25.54
C GLY A 124 -2.54 -17.40 25.34
N GLY A 125 -1.75 -17.07 24.32
CA GLY A 125 -1.45 -15.69 24.02
C GLY A 125 -2.48 -15.03 23.12
N ASN A 126 -3.71 -15.55 23.10
CA ASN A 126 -4.75 -15.03 22.22
C ASN A 126 -5.41 -13.79 22.82
N TYR A 127 -5.95 -12.93 21.94
CA TYR A 127 -6.52 -11.67 22.38
C TYR A 127 -7.72 -11.88 23.30
N ASP A 128 -8.55 -12.88 22.99
CA ASP A 128 -9.75 -13.12 23.78
C ASP A 128 -9.39 -13.29 25.26
N ARG A 129 -8.44 -14.15 25.56
CA ARG A 129 -8.13 -14.38 26.97
C ARG A 129 -7.29 -13.24 27.54
N LEU A 130 -6.34 -12.71 26.76
CA LEU A 130 -5.52 -11.60 27.26
C LEU A 130 -6.38 -10.40 27.61
N GLU A 131 -7.37 -10.10 26.77
CA GLU A 131 -8.29 -9.00 27.08
C GLU A 131 -9.04 -9.27 28.38
N GLN A 132 -9.52 -10.49 28.57
CA GLN A 132 -10.22 -10.80 29.81
C GLN A 132 -9.32 -10.62 31.01
N LEU A 133 -8.08 -11.13 30.92
CA LEU A 133 -7.14 -10.96 32.03
C LEU A 133 -6.79 -9.50 32.25
N ALA A 134 -6.61 -8.74 31.17
CA ALA A 134 -6.27 -7.33 31.30
C ALA A 134 -7.42 -6.50 31.82
N GLY A 135 -8.65 -7.00 31.71
CA GLY A 135 -9.80 -6.21 32.09
C GLY A 135 -10.18 -5.13 31.09
N ASN A 136 -9.71 -5.23 29.86
CA ASN A 136 -10.05 -4.26 28.81
C ASN A 136 -9.88 -4.91 27.44
N LEU A 137 -10.74 -4.51 26.51
CA LEU A 137 -10.58 -4.87 25.11
C LEU A 137 -9.45 -4.06 24.49
N ARG A 138 -8.94 -4.55 23.35
CA ARG A 138 -7.92 -3.83 22.61
C ARG A 138 -8.34 -2.40 22.27
N GLU A 139 -9.64 -2.17 22.04
CA GLU A 139 -10.08 -0.83 21.66
C GLU A 139 -9.99 0.15 22.82
N ASN A 140 -9.63 -0.30 24.02
CA ASN A 140 -9.43 0.60 25.15
C ASN A 140 -8.02 0.53 25.71
N ILE A 141 -7.08 -0.08 24.99
CA ILE A 141 -5.70 -0.18 25.42
C ILE A 141 -4.85 0.65 24.46
N GLU A 142 -4.22 1.69 24.98
CA GLU A 142 -3.50 2.63 24.16
C GLU A 142 -2.16 2.07 23.72
N LEU A 143 -1.75 2.42 22.50
CA LEU A 143 -0.51 1.98 21.88
C LEU A 143 0.36 3.19 21.57
N GLY A 144 1.65 2.95 21.42
CA GLY A 144 2.61 4.00 21.14
C GLY A 144 3.90 3.73 21.89
N ASN A 145 4.83 4.69 21.80
CA ASN A 145 6.12 4.52 22.47
C ASN A 145 5.97 4.54 23.98
N GLY A 146 5.08 5.40 24.49
CA GLY A 146 4.76 5.44 25.91
C GLY A 146 4.25 4.13 26.46
N PRO A 147 3.20 3.58 25.84
CA PRO A 147 2.70 2.26 26.25
C PRO A 147 3.74 1.15 26.18
N LEU A 148 4.59 1.16 25.15
CA LEU A 148 5.62 0.14 25.01
C LEU A 148 6.69 0.28 26.09
N GLU A 149 7.12 1.51 26.39
CA GLU A 149 7.99 1.74 27.53
C GLU A 149 7.41 1.12 28.80
N GLU A 150 6.13 1.38 29.06
CA GLU A 150 5.47 0.83 30.24
C GLU A 150 5.33 -0.70 30.15
N ALA A 151 5.06 -1.22 28.95
CA ALA A 151 4.92 -2.67 28.78
C ALA A 151 6.22 -3.38 29.10
N ILE A 152 7.35 -2.82 28.66
CA ILE A 152 8.66 -3.43 28.91
C ILE A 152 8.95 -3.50 30.40
N SER A 153 8.68 -2.41 31.13
CA SER A 153 8.89 -2.40 32.57
C SER A 153 7.95 -3.39 33.27
N ALA A 154 6.70 -3.46 32.83
CA ALA A 154 5.76 -4.38 33.46
C ALA A 154 6.17 -5.82 33.24
N LEU A 155 6.59 -6.15 32.01
CA LEU A 155 7.09 -7.48 31.73
C LEU A 155 8.31 -7.81 32.59
N TYR A 156 9.22 -6.85 32.74
CA TYR A 156 10.45 -7.10 33.48
C TYR A 156 10.16 -7.39 34.95
N TYR A 157 9.30 -6.58 35.57
CA TYR A 157 9.08 -6.72 37.00
C TYR A 157 8.13 -7.84 37.38
N TYR A 158 7.55 -8.56 36.40
CA TYR A 158 6.76 -9.73 36.77
C TYR A 158 7.60 -10.83 37.39
N SER A 159 8.89 -10.88 37.05
CA SER A 159 9.74 -11.96 37.53
C SER A 159 9.99 -11.92 39.02
N THR A 160 9.81 -10.76 39.67
CA THR A 160 9.90 -10.66 41.12
C THR A 160 8.59 -10.21 41.74
N GLY A 161 7.47 -10.50 41.07
CA GLY A 161 6.17 -10.19 41.62
C GLY A 161 5.80 -8.72 41.66
N GLY A 162 6.51 -7.86 40.94
CA GLY A 162 6.18 -6.45 40.96
C GLY A 162 5.14 -6.03 39.96
N THR A 163 4.56 -6.98 39.23
CA THR A 163 3.54 -6.69 38.22
C THR A 163 2.34 -7.59 38.44
N GLN A 164 1.17 -7.00 38.54
CA GLN A 164 -0.05 -7.79 38.68
C GLN A 164 -0.46 -8.37 37.33
N LEU A 165 -1.19 -9.48 37.37
CA LEU A 165 -1.52 -10.19 36.13
C LEU A 165 -2.30 -9.34 35.13
N PRO A 166 -3.29 -8.52 35.51
CA PRO A 166 -3.94 -7.68 34.49
C PRO A 166 -2.96 -6.76 33.78
N THR A 167 -2.04 -6.13 34.52
CA THR A 167 -1.04 -5.28 33.89
C THR A 167 -0.17 -6.07 32.95
N LEU A 168 0.19 -7.29 33.35
CA LEU A 168 0.99 -8.15 32.49
C LEU A 168 0.25 -8.47 31.20
N ALA A 169 -1.02 -8.85 31.30
CA ALA A 169 -1.80 -9.17 30.11
C ALA A 169 -1.99 -7.93 29.23
N ARG A 170 -2.19 -6.77 29.83
CA ARG A 170 -2.24 -5.56 29.03
C ARG A 170 -0.91 -5.32 28.31
N SER A 171 0.21 -5.58 29.00
CA SER A 171 1.51 -5.34 28.37
C SER A 171 1.76 -6.31 27.22
N PHE A 172 1.28 -7.55 27.34
CA PHE A 172 1.33 -8.49 26.22
C PHE A 172 0.55 -7.97 25.02
N ILE A 173 -0.66 -7.43 25.27
CA ILE A 173 -1.47 -6.93 24.17
C ILE A 173 -0.77 -5.79 23.45
N ILE A 174 -0.08 -4.94 24.22
CA ILE A 174 0.67 -3.85 23.61
C ILE A 174 1.81 -4.39 22.76
N CYS A 175 2.61 -5.32 23.31
CA CYS A 175 3.78 -5.82 22.58
C CYS A 175 3.39 -6.60 21.34
N ILE A 176 2.36 -7.45 21.44
CA ILE A 176 1.98 -8.28 20.30
C ILE A 176 1.53 -7.41 19.14
N GLN A 177 0.81 -6.33 19.42
CA GLN A 177 0.34 -5.48 18.33
C GLN A 177 1.49 -4.65 17.75
N MET A 178 2.33 -4.08 18.61
CA MET A 178 3.37 -3.19 18.10
C MET A 178 4.52 -3.94 17.48
N ILE A 179 4.54 -5.27 17.60
CA ILE A 179 5.63 -6.06 17.03
C ILE A 179 5.05 -7.07 16.05
N SER A 180 4.24 -8.01 16.55
CA SER A 180 3.75 -9.08 15.69
C SER A 180 2.82 -8.56 14.62
N GLU A 181 1.80 -7.79 15.01
CA GLU A 181 0.81 -7.33 14.03
C GLU A 181 1.41 -6.31 13.08
N ALA A 182 2.30 -5.44 13.58
CA ALA A 182 2.97 -4.48 12.71
C ALA A 182 3.87 -5.17 11.69
N ALA A 183 4.47 -6.30 12.05
CA ALA A 183 5.24 -7.07 11.07
C ALA A 183 4.32 -7.74 10.06
N ARG A 184 3.13 -8.19 10.50
CA ARG A 184 2.21 -8.87 9.60
C ARG A 184 1.57 -7.90 8.61
N PHE A 185 1.31 -6.66 9.03
CA PHE A 185 0.54 -5.69 8.25
C PHE A 185 1.33 -4.39 8.14
N GLN A 186 1.64 -3.97 6.91
CA GLN A 186 2.20 -2.63 6.73
C GLN A 186 1.23 -1.57 7.23
N TYR A 187 -0.07 -1.85 7.16
CA TYR A 187 -1.06 -0.90 7.64
C TYR A 187 -0.90 -0.62 9.13
N ILE A 188 -0.66 -1.68 9.92
CA ILE A 188 -0.51 -1.51 11.36
C ILE A 188 0.86 -0.93 11.69
N GLU A 189 1.90 -1.32 10.94
CA GLU A 189 3.18 -0.63 11.06
C GLU A 189 3.00 0.87 10.81
N GLY A 190 2.19 1.23 9.81
CA GLY A 190 1.92 2.63 9.57
C GLY A 190 1.16 3.28 10.71
N GLU A 191 0.22 2.54 11.32
CA GLU A 191 -0.52 3.07 12.47
C GLU A 191 0.41 3.41 13.63
N MET A 192 1.41 2.58 13.90
CA MET A 192 2.34 2.89 14.99
C MET A 192 3.27 4.01 14.60
N ARG A 193 3.67 4.06 13.33
CA ARG A 193 4.45 5.18 12.82
C ARG A 193 3.74 6.50 13.07
N THR A 194 2.44 6.57 12.78
CA THR A 194 1.71 7.82 12.96
C THR A 194 1.66 8.21 14.42
N ARG A 195 1.46 7.24 15.32
CA ARG A 195 1.47 7.55 16.75
C ARG A 195 2.82 8.11 17.18
N ILE A 196 3.91 7.59 16.62
CA ILE A 196 5.22 8.10 16.97
C ILE A 196 5.41 9.50 16.37
N ARG A 197 4.85 9.74 15.18
CA ARG A 197 5.00 11.05 14.54
C ARG A 197 4.38 12.16 15.37
N TYR A 198 3.18 11.94 15.90
CA TYR A 198 2.51 12.95 16.70
C TYR A 198 2.87 12.85 18.17
N ASN A 199 3.75 11.93 18.54
CA ASN A 199 4.10 11.69 19.93
C ASN A 199 2.83 11.51 20.77
N ARG A 200 1.91 10.70 20.27
CA ARG A 200 0.64 10.48 20.92
C ARG A 200 0.41 8.99 21.13
N ARG A 201 -0.34 8.67 22.17
CA ARG A 201 -0.71 7.30 22.47
C ARG A 201 -2.22 7.19 22.29
N SER A 202 -2.65 6.15 21.58
CA SER A 202 -4.06 5.98 21.32
C SER A 202 -4.33 4.51 21.03
N ALA A 203 -5.55 4.10 21.35
CA ALA A 203 -5.97 2.74 21.11
C ALA A 203 -6.20 2.53 19.62
N PRO A 204 -6.12 1.30 19.15
CA PRO A 204 -6.38 1.03 17.74
C PRO A 204 -7.85 1.18 17.41
N ASP A 205 -8.14 1.67 16.20
CA ASP A 205 -9.51 1.86 15.76
C ASP A 205 -10.01 0.58 15.10
N PRO A 206 -11.30 0.52 14.74
CA PRO A 206 -11.86 -0.74 14.23
C PRO A 206 -11.16 -1.30 13.01
N SER A 207 -10.58 -0.45 12.15
CA SER A 207 -9.89 -0.97 10.97
C SER A 207 -8.68 -1.79 11.38
N VAL A 208 -7.98 -1.35 12.43
CA VAL A 208 -6.83 -2.09 12.93
C VAL A 208 -7.28 -3.38 13.61
N ILE A 209 -8.30 -3.28 14.46
CA ILE A 209 -8.74 -4.42 15.26
C ILE A 209 -9.31 -5.50 14.36
N THR A 210 -10.07 -5.11 13.33
CA THR A 210 -10.66 -6.09 12.43
C THR A 210 -9.62 -6.67 11.48
N LEU A 211 -8.63 -5.88 11.07
CA LEU A 211 -7.50 -6.45 10.33
C LEU A 211 -6.80 -7.52 11.13
N GLU A 212 -6.50 -7.23 12.40
CA GLU A 212 -5.88 -8.21 13.28
C GLU A 212 -6.71 -9.47 13.36
N ASN A 213 -8.03 -9.32 13.56
CA ASN A 213 -8.91 -10.48 13.69
C ASN A 213 -9.00 -11.28 12.40
N SER A 214 -8.65 -10.69 11.26
CA SER A 214 -8.89 -11.31 9.96
C SER A 214 -7.63 -11.88 9.31
N TRP A 215 -6.50 -11.90 10.01
CA TRP A 215 -5.24 -12.31 9.38
C TRP A 215 -5.31 -13.75 8.89
N GLY A 216 -5.86 -14.66 9.69
CA GLY A 216 -5.96 -16.05 9.27
C GLY A 216 -6.90 -16.24 8.08
N ARG A 217 -8.06 -15.58 8.12
CA ARG A 217 -9.00 -15.70 7.01
C ARG A 217 -8.48 -15.03 5.75
N LEU A 218 -7.88 -13.84 5.89
CA LEU A 218 -7.30 -13.18 4.73
C LEU A 218 -6.22 -14.03 4.09
N SER A 219 -5.38 -14.66 4.91
CA SER A 219 -4.32 -15.53 4.39
C SER A 219 -4.91 -16.70 3.62
N THR A 220 -5.94 -17.35 4.19
CA THR A 220 -6.58 -18.47 3.52
C THR A 220 -7.22 -18.04 2.20
N ALA A 221 -7.92 -16.90 2.21
CA ALA A 221 -8.61 -16.45 1.01
C ALA A 221 -7.61 -16.18 -0.12
N ILE A 222 -6.48 -15.56 0.20
CA ILE A 222 -5.48 -15.23 -0.82
C ILE A 222 -4.85 -16.49 -1.39
N GLN A 223 -4.43 -17.42 -0.51
CA GLN A 223 -3.72 -18.60 -0.97
C GLN A 223 -4.61 -19.58 -1.71
N GLU A 224 -5.91 -19.57 -1.45
CA GLU A 224 -6.87 -20.41 -2.17
C GLU A 224 -7.54 -19.71 -3.34
N SER A 225 -7.19 -18.45 -3.61
CA SER A 225 -7.89 -17.66 -4.62
C SER A 225 -7.61 -18.18 -6.02
N ASN A 226 -8.54 -17.88 -6.92
CA ASN A 226 -8.40 -18.18 -8.36
C ASN A 226 -7.78 -16.96 -9.03
N GLN A 227 -6.45 -17.00 -9.20
CA GLN A 227 -5.70 -15.88 -9.79
C GLN A 227 -5.97 -14.58 -9.02
N GLY A 228 -6.02 -14.69 -7.71
CA GLY A 228 -6.27 -13.56 -6.85
C GLY A 228 -7.72 -13.33 -6.49
N ALA A 229 -8.66 -13.86 -7.27
CA ALA A 229 -10.07 -13.62 -7.01
C ALA A 229 -10.58 -14.52 -5.89
N PHE A 230 -11.21 -13.90 -4.89
CA PHE A 230 -11.72 -14.65 -3.75
C PHE A 230 -12.99 -15.41 -4.14
N ALA A 231 -13.17 -16.58 -3.52
CA ALA A 231 -14.41 -17.33 -3.75
C ALA A 231 -15.59 -16.68 -3.03
N SER A 232 -15.35 -16.17 -1.82
CA SER A 232 -16.35 -15.47 -1.04
C SER A 232 -15.73 -14.19 -0.47
N PRO A 233 -16.51 -13.12 -0.38
CA PRO A 233 -15.94 -11.84 0.09
C PRO A 233 -15.61 -11.89 1.58
N ILE A 234 -14.64 -11.05 1.96
CA ILE A 234 -14.24 -10.88 3.35
C ILE A 234 -14.66 -9.48 3.80
N GLN A 235 -15.34 -9.41 4.94
CA GLN A 235 -15.77 -8.14 5.51
C GLN A 235 -14.67 -7.58 6.40
N LEU A 236 -14.25 -6.36 6.10
CA LEU A 236 -13.33 -5.62 6.95
C LEU A 236 -14.00 -4.32 7.39
N GLN A 237 -13.39 -3.64 8.35
CA GLN A 237 -13.96 -2.43 8.92
C GLN A 237 -13.18 -1.21 8.48
N ARG A 238 -13.89 -0.11 8.25
CA ARG A 238 -13.25 1.18 8.05
C ARG A 238 -12.88 1.80 9.39
N ARG A 239 -12.20 2.96 9.35
CA ARG A 239 -11.81 3.60 10.61
C ARG A 239 -13.02 4.03 11.41
N ASN A 240 -14.11 4.38 10.74
CA ASN A 240 -15.35 4.80 11.39
C ASN A 240 -16.24 3.63 11.80
N GLY A 241 -15.77 2.39 11.64
CA GLY A 241 -16.54 1.23 12.03
C GLY A 241 -17.42 0.62 10.97
N SER A 242 -17.73 1.35 9.90
CA SER A 242 -18.54 0.79 8.82
C SER A 242 -17.76 -0.31 8.10
N LYS A 243 -18.51 -1.20 7.45
CA LYS A 243 -17.93 -2.37 6.80
C LYS A 243 -17.84 -2.18 5.29
N PHE A 244 -16.92 -2.93 4.69
CA PHE A 244 -16.83 -3.05 3.25
C PHE A 244 -16.33 -4.45 2.92
N SER A 245 -16.59 -4.88 1.70
CA SER A 245 -16.24 -6.23 1.27
C SER A 245 -14.97 -6.21 0.42
N VAL A 246 -14.08 -7.15 0.70
CA VAL A 246 -12.86 -7.35 -0.08
C VAL A 246 -13.08 -8.58 -0.96
N TYR A 247 -12.84 -8.44 -2.27
CA TYR A 247 -13.18 -9.49 -3.22
C TYR A 247 -11.98 -10.15 -3.88
N ASP A 248 -10.80 -9.55 -3.81
CA ASP A 248 -9.62 -10.16 -4.39
C ASP A 248 -8.39 -9.59 -3.71
N VAL A 249 -7.26 -10.27 -3.91
CA VAL A 249 -6.05 -9.98 -3.14
C VAL A 249 -5.43 -8.64 -3.48
N SER A 250 -5.68 -8.10 -4.67
CA SER A 250 -4.93 -6.93 -5.12
C SER A 250 -5.07 -5.75 -4.17
N ILE A 251 -6.26 -5.55 -3.59
CA ILE A 251 -6.45 -4.40 -2.72
C ILE A 251 -5.68 -4.54 -1.41
N LEU A 252 -5.24 -5.75 -1.07
CA LEU A 252 -4.58 -6.00 0.20
C LEU A 252 -3.06 -5.93 0.10
N ILE A 253 -2.51 -5.84 -1.12
CA ILE A 253 -1.06 -5.84 -1.30
C ILE A 253 -0.37 -4.77 -0.45
N PRO A 254 -0.82 -3.50 -0.44
CA PRO A 254 -0.17 -2.51 0.44
C PRO A 254 -0.51 -2.67 1.91
N ILE A 255 -1.34 -3.65 2.27
CA ILE A 255 -1.92 -3.74 3.60
C ILE A 255 -1.29 -4.87 4.41
N ILE A 256 -1.21 -6.07 3.83
CA ILE A 256 -0.73 -7.25 4.53
C ILE A 256 0.66 -7.58 4.02
N ALA A 257 1.60 -7.77 4.94
CA ALA A 257 2.99 -8.02 4.57
C ALA A 257 3.42 -9.46 4.72
N LEU A 258 2.73 -10.24 5.57
CA LEU A 258 3.07 -11.63 5.83
C LEU A 258 1.78 -12.44 5.92
N MET A 259 1.85 -13.67 5.44
CA MET A 259 0.72 -14.59 5.51
C MET A 259 1.15 -15.89 6.16
N VAL A 260 0.26 -16.45 7.00
CA VAL A 260 0.50 -17.77 7.55
C VAL A 260 0.28 -18.81 6.47
N TYR A 261 1.11 -19.86 6.50
CA TYR A 261 1.06 -20.94 5.52
C TYR A 261 -0.17 -21.83 5.73
N PHE B 6 18.35 11.79 -36.00
CA PHE B 6 17.05 11.11 -35.97
C PHE B 6 16.39 11.49 -34.63
N PRO B 7 15.10 11.21 -34.45
CA PRO B 7 14.39 11.77 -33.30
C PRO B 7 14.92 11.27 -31.96
N LYS B 8 14.66 12.06 -30.92
CA LYS B 8 15.01 11.65 -29.57
C LYS B 8 14.25 10.40 -29.18
N GLN B 9 14.93 9.55 -28.42
CA GLN B 9 14.43 8.24 -28.04
C GLN B 9 14.00 8.28 -26.58
N TYR B 10 12.71 8.10 -26.34
CA TYR B 10 12.20 8.06 -24.99
C TYR B 10 11.81 6.65 -24.62
N PRO B 11 11.79 6.33 -23.32
CA PRO B 11 11.36 4.99 -22.89
C PRO B 11 9.96 4.70 -23.37
N ILE B 12 9.70 3.43 -23.72
CA ILE B 12 8.42 3.05 -24.26
C ILE B 12 7.85 1.89 -23.47
N ILE B 13 6.60 2.00 -23.07
CA ILE B 13 5.87 0.94 -22.38
C ILE B 13 4.74 0.51 -23.30
N ASN B 14 4.56 -0.79 -23.44
CA ASN B 14 3.53 -1.36 -24.31
C ASN B 14 2.37 -1.90 -23.47
N PHE B 15 1.15 -1.71 -23.96
CA PHE B 15 0.00 -2.40 -23.40
C PHE B 15 -0.94 -2.77 -24.54
N THR B 16 -1.54 -3.96 -24.48
CA THR B 16 -2.56 -4.32 -25.46
C THR B 16 -3.86 -4.72 -24.75
N THR B 17 -4.98 -4.35 -25.35
CA THR B 17 -6.27 -4.82 -24.87
C THR B 17 -6.58 -6.24 -25.33
N ALA B 18 -5.86 -6.75 -26.33
CA ALA B 18 -6.05 -8.12 -26.80
C ALA B 18 -5.51 -9.07 -25.74
N GLY B 19 -6.39 -9.85 -25.12
CA GLY B 19 -5.96 -10.77 -24.10
C GLY B 19 -5.59 -10.11 -22.80
N ALA B 20 -6.13 -8.92 -22.54
CA ALA B 20 -5.79 -8.19 -21.32
C ALA B 20 -6.23 -8.97 -20.09
N THR B 21 -5.40 -8.93 -19.05
CA THR B 21 -5.70 -9.55 -17.76
C THR B 21 -5.41 -8.56 -16.65
N VAL B 22 -5.87 -8.91 -15.45
CA VAL B 22 -5.47 -8.18 -14.25
C VAL B 22 -3.96 -8.08 -14.17
N GLN B 23 -3.27 -9.19 -14.46
CA GLN B 23 -1.81 -9.22 -14.33
C GLN B 23 -1.13 -8.37 -15.39
N SER B 24 -1.59 -8.47 -16.64
CA SER B 24 -0.96 -7.69 -17.69
C SER B 24 -1.22 -6.20 -17.50
N TYR B 25 -2.42 -5.84 -17.01
CA TYR B 25 -2.71 -4.43 -16.76
C TYR B 25 -1.92 -3.91 -15.56
N THR B 26 -1.81 -4.73 -14.52
CA THR B 26 -1.02 -4.34 -13.35
C THR B 26 0.45 -4.15 -13.72
N ASN B 27 1.00 -5.10 -14.48
CA ASN B 27 2.39 -4.95 -14.92
C ASN B 27 2.58 -3.68 -15.73
N PHE B 28 1.60 -3.35 -16.57
CA PHE B 28 1.68 -2.14 -17.38
C PHE B 28 1.71 -0.89 -16.52
N ILE B 29 0.78 -0.77 -15.56
CA ILE B 29 0.73 0.44 -14.73
C ILE B 29 1.97 0.52 -13.86
N ARG B 30 2.43 -0.62 -13.33
CA ARG B 30 3.66 -0.60 -12.56
C ARG B 30 4.84 -0.15 -13.40
N ALA B 31 4.87 -0.56 -14.68
CA ALA B 31 5.97 -0.14 -15.55
C ALA B 31 5.93 1.36 -15.82
N VAL B 32 4.75 1.91 -16.03
CA VAL B 32 4.62 3.35 -16.24
C VAL B 32 5.10 4.10 -15.01
N ARG B 33 4.62 3.69 -13.83
CA ARG B 33 5.08 4.32 -12.59
C ARG B 33 6.59 4.27 -12.49
N GLY B 34 7.18 3.12 -12.82
CA GLY B 34 8.62 2.96 -12.68
C GLY B 34 9.41 3.89 -13.58
N ARG B 35 8.89 4.23 -14.75
CA ARG B 35 9.61 5.15 -15.63
C ARG B 35 9.27 6.61 -15.36
N LEU B 36 8.18 6.88 -14.65
CA LEU B 36 7.85 8.27 -14.33
C LEU B 36 8.75 8.80 -13.22
N THR B 37 8.94 8.01 -12.16
CA THR B 37 9.79 8.34 -11.03
C THR B 37 11.07 7.53 -11.07
N THR B 38 12.01 7.90 -10.22
CA THR B 38 13.24 7.12 -10.04
C THR B 38 13.39 6.64 -8.59
N ASP B 41 13.04 10.65 -4.82
CA ASP B 41 12.38 11.68 -4.04
C ASP B 41 11.08 11.14 -3.45
N VAL B 42 11.05 10.94 -2.14
CA VAL B 42 9.91 10.34 -1.46
C VAL B 42 9.63 11.12 -0.20
N ARG B 43 8.42 11.69 -0.10
CA ARG B 43 7.95 12.34 1.12
C ARG B 43 6.85 11.48 1.74
N HIS B 44 7.06 11.03 2.97
CA HIS B 44 6.10 10.19 3.68
C HIS B 44 5.69 9.00 2.82
N GLU B 45 6.69 8.26 2.35
CA GLU B 45 6.52 7.03 1.58
C GLU B 45 5.82 7.24 0.24
N ILE B 46 5.68 8.47 -0.23
CA ILE B 46 4.99 8.75 -1.49
C ILE B 46 5.96 9.38 -2.47
N PRO B 47 6.25 8.72 -3.61
CA PRO B 47 7.21 9.27 -4.57
C PRO B 47 6.72 10.58 -5.18
N VAL B 48 7.67 11.47 -5.45
CA VAL B 48 7.40 12.76 -6.07
C VAL B 48 7.94 12.72 -7.50
N LEU B 49 7.13 13.18 -8.45
CA LEU B 49 7.55 13.23 -9.83
C LEU B 49 8.70 14.22 -9.99
N PRO B 50 9.56 14.01 -10.98
CA PRO B 50 10.75 14.88 -11.13
C PRO B 50 10.36 16.34 -11.25
N ASN B 51 11.23 17.19 -10.71
CA ASN B 51 11.05 18.62 -10.82
C ASN B 51 11.18 19.04 -12.28
N ARG B 52 10.19 19.80 -12.76
CA ARG B 52 10.24 20.32 -14.12
C ARG B 52 11.40 21.28 -14.31
N VAL B 53 11.80 21.97 -13.24
CA VAL B 53 12.86 22.96 -13.31
C VAL B 53 14.19 22.26 -13.58
N GLY B 54 14.86 22.66 -14.65
CA GLY B 54 16.17 22.12 -14.99
C GLY B 54 16.19 20.71 -15.51
N LEU B 55 15.03 20.09 -15.69
CA LEU B 55 14.99 18.70 -16.14
C LEU B 55 15.38 18.62 -17.61
N PRO B 56 16.38 17.82 -17.96
CA PRO B 56 16.80 17.75 -19.37
C PRO B 56 15.70 17.21 -20.27
N ILE B 57 15.70 17.70 -21.51
CA ILE B 57 14.66 17.32 -22.48
C ILE B 57 14.69 15.84 -22.78
N ASN B 58 15.88 15.23 -22.75
CA ASN B 58 15.98 13.79 -23.02
C ASN B 58 15.40 12.93 -21.92
N GLN B 59 15.00 13.52 -20.80
CA GLN B 59 14.39 12.78 -19.69
C GLN B 59 12.98 13.28 -19.39
N ARG B 60 12.38 14.05 -20.29
CA ARG B 60 11.12 14.74 -20.00
C ARG B 60 9.89 13.90 -20.30
N PHE B 61 10.01 12.91 -21.17
CA PHE B 61 8.84 12.23 -21.71
C PHE B 61 9.00 10.72 -21.61
N ILE B 62 7.86 10.05 -21.50
CA ILE B 62 7.80 8.62 -21.74
C ILE B 62 6.69 8.36 -22.73
N LEU B 63 6.76 7.19 -23.38
CA LEU B 63 5.84 6.82 -24.43
C LEU B 63 5.08 5.59 -24.02
N VAL B 64 3.76 5.61 -24.25
CA VAL B 64 2.88 4.49 -23.99
C VAL B 64 2.30 4.03 -25.33
N GLU B 65 2.68 2.84 -25.77
CA GLU B 65 2.18 2.28 -27.02
C GLU B 65 1.01 1.35 -26.73
N LEU B 66 -0.16 1.70 -27.26
CA LEU B 66 -1.39 0.96 -27.03
C LEU B 66 -1.79 0.22 -28.30
N SER B 67 -2.07 -1.08 -28.18
CA SER B 67 -2.56 -1.88 -29.28
C SER B 67 -3.87 -2.55 -28.86
N ASN B 68 -4.70 -2.89 -29.84
CA ASN B 68 -5.96 -3.53 -29.52
C ASN B 68 -6.21 -4.77 -30.36
N HIS B 69 -7.40 -5.37 -30.23
CA HIS B 69 -7.76 -6.58 -30.97
C HIS B 69 -7.72 -6.37 -32.47
N ALA B 70 -8.02 -5.16 -32.93
CA ALA B 70 -7.93 -4.86 -34.36
C ALA B 70 -6.49 -4.67 -34.83
N GLU B 71 -5.52 -4.78 -33.92
CA GLU B 71 -4.10 -4.68 -34.22
C GLU B 71 -3.71 -3.30 -34.72
N LEU B 72 -4.48 -2.30 -34.31
CA LEU B 72 -4.13 -0.91 -34.49
C LEU B 72 -3.32 -0.46 -33.29
N SER B 73 -2.36 0.42 -33.52
CA SER B 73 -1.50 0.92 -32.45
C SER B 73 -1.41 2.44 -32.50
N VAL B 74 -1.45 3.05 -31.33
CA VAL B 74 -1.14 4.47 -31.16
C VAL B 74 -0.16 4.60 -30.01
N THR B 75 0.63 5.66 -30.04
CA THR B 75 1.66 5.91 -29.04
C THR B 75 1.33 7.21 -28.34
N LEU B 76 1.03 7.13 -27.05
CA LEU B 76 0.74 8.30 -26.22
C LEU B 76 2.06 8.84 -25.69
N ALA B 77 2.18 10.17 -25.58
CA ALA B 77 3.32 10.81 -24.96
C ALA B 77 2.92 11.38 -23.60
N LEU B 78 3.64 10.99 -22.55
CA LEU B 78 3.37 11.43 -21.18
C LEU B 78 4.50 12.30 -20.67
N ASP B 79 4.15 13.41 -20.04
CA ASP B 79 5.11 14.28 -19.36
C ASP B 79 5.50 13.65 -18.01
N VAL B 80 6.80 13.41 -17.79
CA VAL B 80 7.20 12.77 -16.54
C VAL B 80 7.04 13.67 -15.33
N THR B 81 6.83 14.97 -15.52
CA THR B 81 6.67 15.89 -14.38
C THR B 81 5.26 15.90 -13.81
N ASN B 82 4.25 15.46 -14.57
CA ASN B 82 2.90 15.43 -14.07
C ASN B 82 2.12 14.20 -14.53
N ALA B 83 2.76 13.29 -15.26
CA ALA B 83 2.21 12.01 -15.70
C ALA B 83 1.03 12.14 -16.65
N TYR B 84 0.84 13.31 -17.25
CA TYR B 84 -0.33 13.52 -18.09
C TYR B 84 0.02 13.41 -19.57
N VAL B 85 -0.98 12.99 -20.34
CA VAL B 85 -0.87 12.83 -21.77
C VAL B 85 -0.75 14.21 -22.41
N VAL B 86 0.31 14.42 -23.19
CA VAL B 86 0.49 15.68 -23.93
C VAL B 86 0.15 15.57 -25.41
N GLY B 87 0.01 14.36 -25.94
CA GLY B 87 -0.19 14.18 -27.37
C GLY B 87 -0.08 12.71 -27.71
N TYR B 88 -0.24 12.40 -29.01
CA TYR B 88 -0.15 11.00 -29.42
C TYR B 88 0.22 10.91 -30.89
N ARG B 89 0.72 9.73 -31.28
CA ARG B 89 1.08 9.46 -32.67
C ARG B 89 0.21 8.33 -33.19
N ALA B 90 -0.29 8.50 -34.41
CA ALA B 90 -1.01 7.44 -35.10
C ALA B 90 -0.52 7.43 -36.54
N GLY B 91 0.19 6.37 -36.93
CA GLY B 91 0.73 6.32 -38.27
C GLY B 91 1.58 7.53 -38.59
N ASN B 92 1.24 8.24 -39.66
CA ASN B 92 2.03 9.35 -40.16
C ASN B 92 1.65 10.70 -39.56
N SER B 93 0.87 10.74 -38.48
CA SER B 93 0.42 11.98 -37.89
C SER B 93 0.62 11.96 -36.38
N ALA B 94 0.90 13.13 -35.81
CA ALA B 94 1.00 13.30 -34.37
C ALA B 94 0.16 14.50 -33.98
N TYR B 95 -0.56 14.37 -32.85
CA TYR B 95 -1.52 15.36 -32.38
C TYR B 95 -1.15 15.77 -30.97
N PHE B 96 -1.17 17.07 -30.70
CA PHE B 96 -0.73 17.57 -29.41
C PHE B 96 -1.79 18.49 -28.83
N PHE B 97 -2.03 18.36 -27.53
CA PHE B 97 -2.85 19.35 -26.85
C PHE B 97 -2.15 20.69 -26.85
N HIS B 98 -2.94 21.75 -26.82
CA HIS B 98 -2.44 23.10 -26.74
C HIS B 98 -1.58 23.24 -25.48
N PRO B 99 -0.30 23.55 -25.61
CA PRO B 99 0.55 23.71 -24.43
C PRO B 99 0.19 24.95 -23.65
N ASP B 100 0.43 24.89 -22.34
CA ASP B 100 0.04 25.99 -21.46
C ASP B 100 0.96 27.20 -21.60
N ASN B 101 2.25 26.97 -21.85
CA ASN B 101 3.23 28.05 -21.86
C ASN B 101 4.27 27.77 -22.93
N GLN B 102 5.17 28.75 -23.11
CA GLN B 102 6.22 28.64 -24.13
C GLN B 102 7.18 27.51 -23.83
N GLU B 103 7.45 27.23 -22.55
CA GLU B 103 8.41 26.18 -22.20
C GLU B 103 7.91 24.81 -22.64
N ASP B 104 6.65 24.49 -22.31
CA ASP B 104 6.09 23.22 -22.73
C ASP B 104 5.94 23.15 -24.25
N ALA B 105 5.62 24.27 -24.90
CA ALA B 105 5.51 24.27 -26.36
C ALA B 105 6.84 23.91 -27.02
N GLU B 106 7.96 24.37 -26.46
CA GLU B 106 9.25 23.99 -27.03
C GLU B 106 9.54 22.53 -26.73
N ALA B 107 9.22 22.06 -25.52
CA ALA B 107 9.51 20.67 -25.14
C ALA B 107 8.84 19.68 -26.09
N ILE B 108 7.56 19.92 -26.42
CA ILE B 108 6.83 18.95 -27.24
C ILE B 108 7.29 18.93 -28.68
N THR B 109 8.05 19.94 -29.13
CA THR B 109 8.64 19.85 -30.45
C THR B 109 9.65 18.72 -30.57
N HIS B 110 10.08 18.13 -29.46
CA HIS B 110 11.05 17.05 -29.46
C HIS B 110 10.39 15.68 -29.50
N LEU B 111 9.06 15.63 -29.50
CA LEU B 111 8.31 14.38 -29.57
C LEU B 111 7.93 14.09 -31.00
N PHE B 112 8.12 12.84 -31.41
CA PHE B 112 7.60 12.33 -32.68
C PHE B 112 8.13 13.15 -33.86
N THR B 113 9.41 13.52 -33.81
CA THR B 113 9.92 14.51 -34.77
C THR B 113 10.13 13.95 -36.17
N ASP B 114 10.03 12.63 -36.35
CA ASP B 114 10.09 12.03 -37.67
C ASP B 114 8.71 11.81 -38.28
N VAL B 115 7.65 12.19 -37.57
CA VAL B 115 6.30 12.07 -38.13
C VAL B 115 6.10 13.17 -39.17
N GLN B 116 5.46 12.80 -40.28
CA GLN B 116 5.36 13.72 -41.41
C GLN B 116 4.41 14.88 -41.13
N ASN B 117 3.33 14.62 -40.40
CA ASN B 117 2.28 15.59 -40.12
C ASN B 117 2.17 15.81 -38.62
N ARG B 118 2.41 17.03 -38.17
CA ARG B 118 2.24 17.39 -36.77
C ARG B 118 1.07 18.35 -36.66
N TYR B 119 0.19 18.11 -35.70
CA TYR B 119 -1.00 18.93 -35.48
C TYR B 119 -1.08 19.32 -34.02
N THR B 120 -1.38 20.59 -33.75
CA THR B 120 -1.59 21.04 -32.38
C THR B 120 -3.04 21.52 -32.25
N PHE B 121 -3.78 20.90 -31.34
CA PHE B 121 -5.15 21.33 -31.09
C PHE B 121 -5.15 22.70 -30.43
N ALA B 122 -6.31 23.36 -30.48
CA ALA B 122 -6.44 24.63 -29.79
C ALA B 122 -6.80 24.46 -28.32
N PHE B 123 -7.22 23.27 -27.92
CA PHE B 123 -7.68 23.00 -26.58
C PHE B 123 -6.63 22.21 -25.80
N GLY B 124 -6.60 22.44 -24.49
CA GLY B 124 -5.74 21.68 -23.63
C GLY B 124 -6.31 20.31 -23.32
N GLY B 125 -5.50 19.48 -22.68
CA GLY B 125 -5.90 18.13 -22.33
C GLY B 125 -6.62 18.03 -20.99
N ASN B 126 -7.21 19.13 -20.52
CA ASN B 126 -7.85 19.12 -19.21
C ASN B 126 -9.29 18.57 -19.33
N TYR B 127 -9.78 18.00 -18.24
CA TYR B 127 -11.08 17.33 -18.27
C TYR B 127 -12.20 18.29 -18.61
N ASP B 128 -12.15 19.52 -18.08
CA ASP B 128 -13.21 20.50 -18.32
C ASP B 128 -13.48 20.65 -19.81
N ARG B 129 -12.42 20.85 -20.58
CA ARG B 129 -12.61 21.05 -22.01
C ARG B 129 -12.93 19.75 -22.73
N LEU B 130 -12.27 18.65 -22.33
CA LEU B 130 -12.52 17.38 -23.00
C LEU B 130 -13.96 16.92 -22.81
N GLU B 131 -14.49 17.10 -21.61
CA GLU B 131 -15.89 16.74 -21.36
C GLU B 131 -16.82 17.54 -22.26
N GLN B 132 -16.56 18.84 -22.39
CA GLN B 132 -17.37 19.67 -23.28
C GLN B 132 -17.28 19.17 -24.72
N LEU B 133 -16.07 18.87 -25.19
CA LEU B 133 -15.92 18.37 -26.56
C LEU B 133 -16.59 17.01 -26.72
N ALA B 134 -16.47 16.14 -25.70
CA ALA B 134 -17.04 14.80 -25.77
C ALA B 134 -18.56 14.80 -25.64
N GLY B 135 -19.15 15.86 -25.11
CA GLY B 135 -20.58 15.85 -24.87
C GLY B 135 -21.03 15.00 -23.70
N ASN B 136 -20.13 14.68 -22.78
CA ASN B 136 -20.45 13.92 -21.58
C ASN B 136 -19.42 14.19 -20.50
N LEU B 137 -19.88 14.21 -19.24
CA LEU B 137 -18.99 14.26 -18.11
C LEU B 137 -18.35 12.89 -17.89
N ARG B 138 -17.23 12.88 -17.16
CA ARG B 138 -16.57 11.62 -16.84
C ARG B 138 -17.52 10.64 -16.17
N GLU B 139 -18.46 11.13 -15.37
CA GLU B 139 -19.36 10.22 -14.69
C GLU B 139 -20.34 9.53 -15.64
N ASN B 140 -20.35 9.90 -16.92
CA ASN B 140 -21.18 9.25 -17.93
C ASN B 140 -20.36 8.61 -19.04
N ILE B 141 -19.04 8.48 -18.87
CA ILE B 141 -18.16 7.84 -19.84
C ILE B 141 -17.63 6.55 -19.23
N GLU B 142 -17.98 5.42 -19.81
CA GLU B 142 -17.66 4.13 -19.23
C GLU B 142 -16.20 3.79 -19.48
N LEU B 143 -15.59 3.09 -18.51
CA LEU B 143 -14.20 2.68 -18.54
C LEU B 143 -14.10 1.16 -18.45
N GLY B 144 -12.98 0.63 -18.88
CA GLY B 144 -12.72 -0.80 -18.89
C GLY B 144 -11.98 -1.17 -20.15
N ASN B 145 -11.76 -2.48 -20.34
CA ASN B 145 -11.01 -2.94 -21.50
C ASN B 145 -11.74 -2.66 -22.81
N GLY B 146 -13.07 -2.82 -22.80
CA GLY B 146 -13.88 -2.51 -23.95
C GLY B 146 -13.75 -1.04 -24.37
N PRO B 147 -13.98 -0.12 -23.44
CA PRO B 147 -13.78 1.30 -23.76
C PRO B 147 -12.40 1.62 -24.26
N LEU B 148 -11.35 1.00 -23.69
CA LEU B 148 -9.99 1.29 -24.16
C LEU B 148 -9.77 0.76 -25.58
N GLU B 149 -10.25 -0.45 -25.87
CA GLU B 149 -10.22 -0.98 -27.24
C GLU B 149 -10.82 0.00 -28.24
N GLU B 150 -12.01 0.53 -27.94
CA GLU B 150 -12.65 1.49 -28.83
C GLU B 150 -11.87 2.81 -28.88
N ALA B 151 -11.31 3.23 -27.75
CA ALA B 151 -10.55 4.47 -27.71
C ALA B 151 -9.33 4.42 -28.60
N ILE B 152 -8.64 3.26 -28.61
CA ILE B 152 -7.44 3.10 -29.43
C ILE B 152 -7.78 3.20 -30.91
N SER B 153 -8.87 2.53 -31.33
CA SER B 153 -9.28 2.60 -32.73
C SER B 153 -9.69 4.02 -33.09
N ALA B 154 -10.42 4.70 -32.18
CA ALA B 154 -10.86 6.05 -32.48
C ALA B 154 -9.68 7.01 -32.59
N LEU B 155 -8.70 6.87 -31.70
CA LEU B 155 -7.49 7.67 -31.81
C LEU B 155 -6.78 7.37 -33.12
N TYR B 156 -6.71 6.10 -33.51
CA TYR B 156 -5.98 5.76 -34.72
C TYR B 156 -6.65 6.36 -35.96
N TYR B 157 -7.97 6.23 -36.06
CA TYR B 157 -8.66 6.66 -37.28
C TYR B 157 -8.89 8.17 -37.34
N TYR B 158 -8.48 8.93 -36.32
CA TYR B 158 -8.52 10.38 -36.47
C TYR B 158 -7.53 10.86 -37.53
N SER B 159 -6.45 10.10 -37.76
CA SER B 159 -5.43 10.51 -38.71
C SER B 159 -5.93 10.50 -40.13
N THR B 160 -7.05 9.81 -40.41
CA THR B 160 -7.66 9.84 -41.72
C THR B 160 -9.07 10.43 -41.69
N GLY B 161 -9.39 11.21 -40.66
CA GLY B 161 -10.69 11.85 -40.53
C GLY B 161 -11.86 10.92 -40.28
N GLY B 162 -11.60 9.66 -39.90
CA GLY B 162 -12.66 8.72 -39.65
C GLY B 162 -13.20 8.72 -38.25
N THR B 163 -12.74 9.64 -37.41
CA THR B 163 -13.19 9.78 -36.03
C THR B 163 -13.66 11.20 -35.84
N GLN B 164 -14.90 11.38 -35.37
CA GLN B 164 -15.38 12.72 -35.09
C GLN B 164 -14.79 13.24 -33.78
N LEU B 165 -14.71 14.55 -33.66
CA LEU B 165 -14.05 15.16 -32.51
C LEU B 165 -14.66 14.75 -31.17
N PRO B 166 -15.99 14.66 -31.01
CA PRO B 166 -16.50 14.21 -29.70
C PRO B 166 -16.02 12.81 -29.33
N THR B 167 -16.00 11.88 -30.29
CA THR B 167 -15.49 10.54 -30.01
C THR B 167 -14.02 10.56 -29.63
N LEU B 168 -13.23 11.41 -30.29
CA LEU B 168 -11.82 11.57 -29.96
C LEU B 168 -11.64 12.08 -28.54
N ALA B 169 -12.40 13.11 -28.17
CA ALA B 169 -12.30 13.67 -26.83
C ALA B 169 -12.73 12.65 -25.80
N ARG B 170 -13.78 11.88 -26.09
CA ARG B 170 -14.19 10.79 -25.22
C ARG B 170 -13.07 9.75 -25.09
N SER B 171 -12.39 9.46 -26.19
CA SER B 171 -11.33 8.45 -26.15
C SER B 171 -10.13 8.95 -25.34
N PHE B 172 -9.83 10.26 -25.43
CA PHE B 172 -8.79 10.84 -24.56
C PHE B 172 -9.16 10.69 -23.08
N ILE B 173 -10.42 10.93 -22.74
CA ILE B 173 -10.85 10.82 -21.34
C ILE B 173 -10.69 9.40 -20.85
N ILE B 174 -10.97 8.42 -21.72
CA ILE B 174 -10.76 7.02 -21.35
C ILE B 174 -9.28 6.73 -21.12
N CYS B 175 -8.44 7.10 -22.08
CA CYS B 175 -7.01 6.79 -21.97
C CYS B 175 -6.37 7.50 -20.80
N ILE B 176 -6.71 8.78 -20.59
CA ILE B 176 -6.05 9.54 -19.53
C ILE B 176 -6.34 8.90 -18.18
N GLN B 177 -7.59 8.46 -17.95
CA GLN B 177 -7.92 7.85 -16.68
C GLN B 177 -7.33 6.45 -16.53
N MET B 178 -7.41 5.64 -17.57
CA MET B 178 -6.93 4.28 -17.43
C MET B 178 -5.42 4.18 -17.45
N ILE B 179 -4.72 5.29 -17.74
CA ILE B 179 -3.27 5.27 -17.78
C ILE B 179 -2.70 6.29 -16.79
N SER B 180 -2.95 7.58 -17.04
CA SER B 180 -2.35 8.59 -16.19
C SER B 180 -2.89 8.52 -14.76
N GLU B 181 -4.22 8.53 -14.59
CA GLU B 181 -4.76 8.56 -13.24
C GLU B 181 -4.48 7.25 -12.50
N ALA B 182 -4.52 6.12 -13.23
CA ALA B 182 -4.19 4.84 -12.60
C ALA B 182 -2.72 4.81 -12.16
N ALA B 183 -1.83 5.48 -12.90
CA ALA B 183 -0.45 5.57 -12.44
C ALA B 183 -0.35 6.45 -11.21
N ARG B 184 -1.15 7.52 -11.14
CA ARG B 184 -1.08 8.45 -10.02
C ARG B 184 -1.65 7.85 -8.74
N PHE B 185 -2.70 7.03 -8.85
CA PHE B 185 -3.46 6.55 -7.70
C PHE B 185 -3.57 5.03 -7.75
N GLN B 186 -3.08 4.35 -6.71
CA GLN B 186 -3.35 2.92 -6.62
C GLN B 186 -4.84 2.65 -6.54
N TYR B 187 -5.60 3.57 -5.96
CA TYR B 187 -7.05 3.40 -5.87
C TYR B 187 -7.67 3.30 -7.25
N ILE B 188 -7.23 4.15 -8.19
CA ILE B 188 -7.80 4.14 -9.53
C ILE B 188 -7.27 2.95 -10.32
N GLU B 189 -6.00 2.59 -10.12
CA GLU B 189 -5.48 1.37 -10.70
C GLU B 189 -6.33 0.17 -10.27
N GLY B 190 -6.71 0.12 -9.00
CA GLY B 190 -7.58 -0.95 -8.52
C GLY B 190 -8.96 -0.93 -9.14
N GLU B 191 -9.50 0.27 -9.34
CA GLU B 191 -10.79 0.41 -10.00
C GLU B 191 -10.75 -0.15 -11.42
N MET B 192 -9.67 0.09 -12.14
CA MET B 192 -9.57 -0.45 -13.50
C MET B 192 -9.29 -1.95 -13.46
N ARG B 193 -8.47 -2.40 -12.52
CA ARG B 193 -8.27 -3.85 -12.35
C ARG B 193 -9.59 -4.56 -12.14
N THR B 194 -10.44 -4.01 -11.28
CA THR B 194 -11.68 -4.70 -10.95
C THR B 194 -12.57 -4.83 -12.19
N ARG B 195 -12.64 -3.78 -13.00
CA ARG B 195 -13.41 -3.86 -14.23
C ARG B 195 -12.82 -4.93 -15.17
N ILE B 196 -11.49 -5.00 -15.24
CA ILE B 196 -10.84 -5.98 -16.11
C ILE B 196 -11.00 -7.39 -15.56
N ARG B 197 -10.93 -7.53 -14.23
CA ARG B 197 -11.05 -8.86 -13.64
C ARG B 197 -12.41 -9.47 -13.91
N TYR B 198 -13.47 -8.70 -13.71
CA TYR B 198 -14.83 -9.20 -13.84
C TYR B 198 -15.46 -8.90 -15.20
N ASN B 199 -14.66 -8.43 -16.17
CA ASN B 199 -15.13 -8.10 -17.51
C ASN B 199 -16.30 -7.13 -17.46
N ARG B 200 -16.04 -6.01 -16.79
CA ARG B 200 -17.05 -5.01 -16.50
C ARG B 200 -16.72 -3.70 -17.22
N ARG B 201 -17.78 -3.01 -17.62
CA ARG B 201 -17.71 -1.71 -18.24
C ARG B 201 -18.54 -0.76 -17.40
N SER B 202 -17.94 0.31 -16.88
CA SER B 202 -18.69 1.21 -16.04
C SER B 202 -17.96 2.55 -15.91
N ALA B 203 -18.73 3.61 -15.75
CA ALA B 203 -18.18 4.94 -15.54
C ALA B 203 -17.63 5.04 -14.13
N PRO B 204 -16.70 5.97 -13.89
CA PRO B 204 -16.16 6.13 -12.54
C PRO B 204 -17.18 6.77 -11.61
N ASP B 205 -17.16 6.36 -10.35
CA ASP B 205 -18.07 6.90 -9.35
C ASP B 205 -17.45 8.14 -8.70
N PRO B 206 -18.20 8.86 -7.84
CA PRO B 206 -17.66 10.12 -7.30
C PRO B 206 -16.34 9.99 -6.57
N SER B 207 -16.04 8.83 -5.98
CA SER B 207 -14.78 8.69 -5.26
C SER B 207 -13.60 8.77 -6.21
N VAL B 208 -13.73 8.16 -7.40
CA VAL B 208 -12.68 8.23 -8.39
C VAL B 208 -12.57 9.65 -8.97
N ILE B 209 -13.71 10.25 -9.30
CA ILE B 209 -13.73 11.54 -9.96
C ILE B 209 -13.18 12.62 -9.05
N THR B 210 -13.53 12.59 -7.76
CA THR B 210 -13.02 13.60 -6.84
C THR B 210 -11.55 13.36 -6.52
N LEU B 211 -11.11 12.09 -6.50
CA LEU B 211 -9.69 11.83 -6.37
C LEU B 211 -8.93 12.44 -7.54
N GLU B 212 -9.40 12.21 -8.77
CA GLU B 212 -8.79 12.81 -9.95
C GLU B 212 -8.73 14.34 -9.83
N ASN B 213 -9.83 14.95 -9.43
CA ASN B 213 -9.87 16.40 -9.31
C ASN B 213 -8.95 16.94 -8.24
N SER B 214 -8.55 16.11 -7.26
CA SER B 214 -7.85 16.58 -6.09
C SER B 214 -6.37 16.27 -6.11
N TRP B 215 -5.85 15.72 -7.21
CA TRP B 215 -4.46 15.26 -7.23
C TRP B 215 -3.48 16.40 -6.94
N GLY B 216 -3.71 17.56 -7.55
CA GLY B 216 -2.84 18.70 -7.30
C GLY B 216 -2.94 19.21 -5.87
N ARG B 217 -4.16 19.29 -5.34
CA ARG B 217 -4.33 19.76 -3.98
C ARG B 217 -3.74 18.77 -2.97
N LEU B 218 -3.97 17.48 -3.19
CA LEU B 218 -3.40 16.47 -2.29
C LEU B 218 -1.88 16.52 -2.31
N SER B 219 -1.28 16.68 -3.50
CA SER B 219 0.17 16.79 -3.59
C SER B 219 0.68 17.99 -2.83
N THR B 220 0.03 19.14 -2.97
CA THR B 220 0.44 20.33 -2.24
C THR B 220 0.31 20.12 -0.74
N ALA B 221 -0.82 19.56 -0.30
CA ALA B 221 -1.05 19.40 1.14
C ALA B 221 -0.01 18.48 1.76
N ILE B 222 0.33 17.38 1.09
CA ILE B 222 1.28 16.43 1.67
C ILE B 222 2.66 17.06 1.77
N GLN B 223 3.12 17.69 0.69
CA GLN B 223 4.48 18.23 0.68
C GLN B 223 4.64 19.46 1.56
N GLU B 224 3.55 20.20 1.82
CA GLU B 224 3.58 21.35 2.72
C GLU B 224 3.14 20.99 4.14
N SER B 225 2.84 19.72 4.40
CA SER B 225 2.32 19.31 5.69
C SER B 225 3.38 19.43 6.77
N ASN B 226 2.91 19.55 8.01
CA ASN B 226 3.79 19.59 9.18
C ASN B 226 3.97 18.14 9.64
N GLN B 227 5.04 17.51 9.18
CA GLN B 227 5.33 16.10 9.49
C GLN B 227 4.16 15.20 9.11
N GLY B 228 3.56 15.45 7.94
CA GLY B 228 2.43 14.70 7.49
C GLY B 228 1.08 15.28 7.84
N ALA B 229 1.02 16.14 8.85
CA ALA B 229 -0.24 16.76 9.26
C ALA B 229 -0.58 17.92 8.33
N PHE B 230 -1.79 17.89 7.77
CA PHE B 230 -2.18 18.92 6.82
C PHE B 230 -2.44 20.25 7.53
N ALA B 231 -2.13 21.34 6.83
CA ALA B 231 -2.43 22.66 7.37
C ALA B 231 -3.93 22.93 7.33
N SER B 232 -4.59 22.51 6.26
CA SER B 232 -6.03 22.61 6.10
C SER B 232 -6.55 21.27 5.58
N PRO B 233 -7.75 20.86 6.00
CA PRO B 233 -8.27 19.56 5.56
C PRO B 233 -8.66 19.57 4.10
N ILE B 234 -8.61 18.39 3.49
CA ILE B 234 -9.02 18.19 2.10
C ILE B 234 -10.29 17.35 2.10
N GLN B 235 -11.31 17.81 1.38
CA GLN B 235 -12.56 17.09 1.28
C GLN B 235 -12.48 16.11 0.11
N LEU B 236 -12.73 14.83 0.38
CA LEU B 236 -12.86 13.82 -0.66
C LEU B 236 -14.26 13.22 -0.58
N GLN B 237 -14.61 12.46 -1.62
CA GLN B 237 -15.95 11.86 -1.71
C GLN B 237 -15.87 10.36 -1.56
N ARG B 238 -16.87 9.79 -0.90
CA ARG B 238 -17.07 8.35 -0.89
C ARG B 238 -17.77 7.93 -2.18
N ARG B 239 -17.93 6.62 -2.37
CA ARG B 239 -18.60 6.14 -3.58
C ARG B 239 -20.04 6.61 -3.65
N ASN B 240 -20.70 6.77 -2.50
CA ASN B 240 -22.09 7.22 -2.51
C ASN B 240 -22.21 8.73 -2.65
N GLY B 241 -21.10 9.44 -2.85
CA GLY B 241 -21.12 10.86 -3.03
C GLY B 241 -20.96 11.68 -1.75
N SER B 242 -21.20 11.07 -0.59
CA SER B 242 -21.01 11.80 0.66
C SER B 242 -19.54 12.13 0.86
N LYS B 243 -19.29 13.19 1.61
CA LYS B 243 -17.93 13.71 1.76
C LYS B 243 -17.33 13.34 3.10
N PHE B 244 -16.00 13.36 3.14
CA PHE B 244 -15.27 13.26 4.40
C PHE B 244 -13.98 14.06 4.28
N SER B 245 -13.43 14.43 5.44
CA SER B 245 -12.26 15.29 5.51
C SER B 245 -10.99 14.48 5.77
N VAL B 246 -9.94 14.80 5.02
CA VAL B 246 -8.63 14.20 5.21
C VAL B 246 -7.71 15.22 5.87
N TYR B 247 -7.10 14.83 6.98
CA TYR B 247 -6.24 15.69 7.78
C TYR B 247 -4.79 15.27 7.85
N ASP B 248 -4.44 14.06 7.40
CA ASP B 248 -3.09 13.57 7.56
C ASP B 248 -2.73 12.65 6.40
N VAL B 249 -1.42 12.51 6.17
CA VAL B 249 -0.94 11.81 4.98
C VAL B 249 -1.16 10.31 5.09
N SER B 250 -1.26 9.78 6.32
CA SER B 250 -1.33 8.33 6.52
C SER B 250 -2.54 7.72 5.81
N ILE B 251 -3.65 8.45 5.77
CA ILE B 251 -4.86 7.93 5.15
C ILE B 251 -4.69 7.78 3.64
N LEU B 252 -3.73 8.49 3.05
CA LEU B 252 -3.55 8.50 1.60
C LEU B 252 -2.48 7.53 1.10
N ILE B 253 -1.68 6.94 2.00
CA ILE B 253 -0.59 6.05 1.58
C ILE B 253 -1.06 4.96 0.64
N PRO B 254 -2.12 4.20 0.94
CA PRO B 254 -2.55 3.17 -0.02
C PRO B 254 -3.29 3.73 -1.23
N ILE B 255 -3.47 5.04 -1.30
CA ILE B 255 -4.38 5.66 -2.25
C ILE B 255 -3.63 6.37 -3.38
N ILE B 256 -2.65 7.20 -3.04
CA ILE B 256 -1.93 8.01 -4.02
C ILE B 256 -0.53 7.45 -4.19
N ALA B 257 -0.11 7.22 -5.45
CA ALA B 257 1.17 6.61 -5.74
C ALA B 257 2.22 7.58 -6.23
N LEU B 258 1.80 8.72 -6.79
CA LEU B 258 2.70 9.71 -7.35
C LEU B 258 2.19 11.10 -6.99
N MET B 259 3.12 12.02 -6.78
CA MET B 259 2.79 13.40 -6.49
C MET B 259 3.55 14.31 -7.44
N VAL B 260 2.90 15.38 -7.89
CA VAL B 260 3.59 16.40 -8.67
C VAL B 260 4.49 17.19 -7.75
N TYR B 261 5.65 17.60 -8.25
CA TYR B 261 6.61 18.33 -7.44
C TYR B 261 6.07 19.72 -7.13
N ARG B 262 6.01 20.07 -5.85
CA ARG B 262 5.53 21.38 -5.42
C ARG B 262 6.66 22.20 -4.81
#